data_3QC6
#
_entry.id   3QC6
#
_cell.length_a   33.338
_cell.length_b   86.743
_cell.length_c   117.940
_cell.angle_alpha   90.00
_cell.angle_beta   90.00
_cell.angle_gamma   90.00
#
_symmetry.space_group_name_H-M   'P 21 21 21'
#
loop_
_entity.id
_entity.type
_entity.pdbx_description
1 polymer 'Platelet binding protein GspB'
2 non-polymer 'CALCIUM ION'
3 non-polymer GLYCEROL
4 non-polymer 'NITROGEN MOLECULE'
5 water water
#
_entity_poly.entity_id   1
_entity_poly.type   'polypeptide(L)'
_entity_poly.pdbx_seq_one_letter_code
;RAVTESAPNVEYHDVKGDMIQSVTTSFDDTSRLLTWTINLTPRQVKSNLGALVSISGNQETRTVTINGKNAANGGVYNSG
GAWNLYTGESVNNNVLRITTQVNDTGGEVKLGLRLVTSDKKITKTNLPLEFSQVAATTNGSWDKAGYNTTIVEKDTERPV
VNVPSEITVYRGESFEYFATVTDNSNAFDLAKTVVRWLYSNQPGRGTEWLQYSVTQVGNQLKVRIFGNVPIDTTIGDYTR
YVVATDAAGNVNATQTEMGNAAVDKTSVNGQFKLIIRFRIKTPENTVFVNNPNQLTEVEKNLVREAVKKSNPDLRAQDVL
NSNYVTGITVSNNGTTTITYRDGRKDIIDGSKFIDTRAGS
;
_entity_poly.pdbx_strand_id   X
#
loop_
_chem_comp.id
_chem_comp.type
_chem_comp.name
_chem_comp.formula
CA non-polymer 'CALCIUM ION' 'Ca 2'
GOL non-polymer GLYCEROL 'C3 H8 O3'
HDZ non-polymer 'NITROGEN MOLECULE' N2
#
# COMPACT_ATOMS: atom_id res chain seq x y z
N ALA A 2 -3.76 12.59 -0.89
CA ALA A 2 -2.98 12.58 -2.15
C ALA A 2 -3.71 13.35 -3.24
N VAL A 3 -2.94 13.87 -4.20
CA VAL A 3 -3.47 14.66 -5.31
C VAL A 3 -3.38 13.88 -6.62
N THR A 4 -4.31 14.15 -7.52
CA THR A 4 -4.23 13.69 -8.91
C THR A 4 -4.64 14.82 -9.86
N GLU A 5 -3.77 15.14 -10.82
CA GLU A 5 -4.04 16.16 -11.82
C GLU A 5 -4.49 15.50 -13.12
N SER A 6 -5.62 15.96 -13.64
CA SER A 6 -6.32 15.31 -14.75
C SER A 6 -6.87 16.33 -15.77
N ALA A 7 -7.31 15.82 -16.93
CA ALA A 7 -8.00 16.67 -17.89
C ALA A 7 -9.43 16.15 -18.15
N PRO A 8 -10.45 16.95 -17.79
CA PRO A 8 -11.82 16.48 -17.91
C PRO A 8 -12.28 16.35 -19.36
N ASN A 9 -13.30 15.51 -19.54
CA ASN A 9 -14.03 15.35 -20.80
C ASN A 9 -14.79 16.61 -21.20
N VAL A 10 -14.87 16.91 -22.50
CA VAL A 10 -15.69 18.02 -22.98
C VAL A 10 -17.08 17.49 -23.35
N GLU A 11 -18.09 17.83 -22.55
CA GLU A 11 -19.49 17.43 -22.82
C GLU A 11 -20.06 18.21 -24.01
N TYR A 12 -19.88 19.54 -23.99
CA TYR A 12 -20.27 20.38 -25.13
C TYR A 12 -19.38 21.61 -25.18
N HIS A 13 -19.16 22.14 -26.38
CA HIS A 13 -18.45 23.41 -26.54
C HIS A 13 -18.98 24.15 -27.76
N ASP A 14 -19.32 25.42 -27.57
CA ASP A 14 -19.75 26.28 -28.66
C ASP A 14 -18.57 26.65 -29.54
N VAL A 15 -18.63 26.23 -30.81
CA VAL A 15 -17.53 26.49 -31.74
C VAL A 15 -17.25 27.99 -31.88
N LYS A 16 -18.25 28.80 -31.57
CA LYS A 16 -18.12 30.24 -31.70
C LYS A 16 -17.46 30.89 -30.47
N GLY A 17 -17.17 30.07 -29.44
CA GLY A 17 -16.43 30.56 -28.28
C GLY A 17 -15.02 31.02 -28.66
N ASP A 18 -14.45 31.97 -27.93
CA ASP A 18 -13.07 32.42 -28.25
C ASP A 18 -12.23 32.76 -27.02
N MET A 19 -12.49 32.06 -25.92
CA MET A 19 -11.82 32.34 -24.66
C MET A 19 -11.05 31.14 -24.08
N ILE A 20 -11.70 29.98 -23.97
CA ILE A 20 -11.12 28.83 -23.25
C ILE A 20 -9.99 28.17 -24.05
N GLN A 21 -8.83 28.10 -23.39
CA GLN A 21 -7.61 27.56 -23.98
C GLN A 21 -7.48 26.11 -23.56
N SER A 22 -7.80 25.83 -22.29
CA SER A 22 -7.81 24.46 -21.77
C SER A 22 -8.37 24.45 -20.36
N VAL A 23 -8.87 23.28 -19.97
CA VAL A 23 -9.40 23.02 -18.64
C VAL A 23 -8.70 21.78 -18.08
N THR A 24 -8.28 21.88 -16.82
CA THR A 24 -7.77 20.72 -16.11
C THR A 24 -8.46 20.62 -14.77
N THR A 25 -8.28 19.46 -14.15
CA THR A 25 -8.81 19.18 -12.83
C THR A 25 -7.70 18.61 -11.95
N SER A 26 -7.76 18.97 -10.68
CA SER A 26 -6.88 18.46 -9.67
C SER A 26 -7.77 18.11 -8.48
N PHE A 27 -7.75 16.85 -8.06
CA PHE A 27 -8.51 16.39 -6.91
C PHE A 27 -7.61 15.99 -5.74
N ASP A 28 -7.92 16.53 -4.55
CA ASP A 28 -7.27 16.11 -3.33
C ASP A 28 -8.18 15.15 -2.56
N ASP A 29 -7.81 13.86 -2.52
CA ASP A 29 -8.67 12.86 -1.86
C ASP A 29 -8.69 12.91 -0.32
N THR A 30 -7.79 13.70 0.27
CA THR A 30 -7.79 13.94 1.72
C THR A 30 -8.94 14.86 2.10
N SER A 31 -8.99 16.03 1.45
CA SER A 31 -10.02 17.03 1.70
C SER A 31 -11.22 16.76 0.80
N ARG A 32 -11.01 15.99 -0.26
CA ARG A 32 -12.04 15.82 -1.30
C ARG A 32 -12.48 17.15 -1.95
N LEU A 33 -11.58 18.13 -1.94
CA LEU A 33 -11.72 19.35 -2.76
C LEU A 33 -11.34 19.10 -4.24
N LEU A 34 -12.23 19.49 -5.15
CA LEU A 34 -11.95 19.40 -6.57
C LEU A 34 -11.66 20.79 -7.16
N THR A 35 -10.53 20.93 -7.85
CA THR A 35 -10.15 22.22 -8.48
C THR A 35 -10.24 22.14 -10.00
N TRP A 36 -11.10 22.98 -10.59
CA TRP A 36 -11.21 23.09 -12.03
C TRP A 36 -10.39 24.30 -12.44
N THR A 37 -9.40 24.10 -13.32
CA THR A 37 -8.53 25.20 -13.78
C THR A 37 -8.87 25.46 -15.24
N ILE A 38 -9.30 26.69 -15.51
CA ILE A 38 -9.73 27.10 -16.84
C ILE A 38 -8.85 28.24 -17.33
N ASN A 39 -7.97 27.89 -18.25
CA ASN A 39 -7.03 28.80 -18.89
C ASN A 39 -7.71 29.54 -20.02
N LEU A 40 -7.54 30.86 -19.99
CA LEU A 40 -8.29 31.81 -20.83
C LEU A 40 -7.38 32.72 -21.62
N THR A 41 -7.67 32.82 -22.91
CA THR A 41 -6.95 33.67 -23.83
C THR A 41 -7.96 34.38 -24.71
N PRO A 42 -8.74 35.33 -24.12
CA PRO A 42 -9.74 36.01 -24.94
C PRO A 42 -9.12 36.78 -26.11
N ARG A 43 -9.77 36.72 -27.28
CA ARG A 43 -9.34 37.57 -28.39
C ARG A 43 -9.61 39.04 -28.08
N GLN A 44 -10.67 39.28 -27.31
CA GLN A 44 -10.99 40.65 -26.87
C GLN A 44 -10.87 40.66 -25.37
N VAL A 45 -9.76 41.19 -24.87
CA VAL A 45 -9.47 41.16 -23.44
C VAL A 45 -10.46 42.06 -22.67
N LYS A 46 -10.61 43.30 -23.12
CA LYS A 46 -11.43 44.31 -22.42
C LYS A 46 -10.97 44.48 -20.96
N SER A 47 -11.85 44.91 -20.08
CA SER A 47 -11.47 45.21 -18.71
C SER A 47 -11.90 44.11 -17.76
N ASN A 48 -13.14 43.64 -17.97
CA ASN A 48 -13.83 42.76 -17.01
C ASN A 48 -14.11 41.35 -17.55
N LEU A 49 -13.97 40.36 -16.68
CA LEU A 49 -14.31 38.97 -16.97
C LEU A 49 -15.47 38.52 -16.09
N GLY A 50 -16.42 37.84 -16.73
CA GLY A 50 -17.57 37.31 -16.05
C GLY A 50 -17.70 35.82 -16.34
N ALA A 51 -18.17 35.07 -15.34
CA ALA A 51 -18.32 33.62 -15.49
C ALA A 51 -19.62 33.18 -14.84
N LEU A 52 -20.50 32.60 -15.65
CA LEU A 52 -21.67 31.99 -15.12
C LEU A 52 -21.34 30.52 -14.96
N VAL A 53 -21.46 30.03 -13.74
CA VAL A 53 -20.98 28.71 -13.36
C VAL A 53 -22.14 27.83 -12.90
N SER A 54 -22.19 26.62 -13.45
CA SER A 54 -23.07 25.55 -13.01
C SER A 54 -22.20 24.37 -12.55
N ILE A 55 -22.63 23.68 -11.48
CA ILE A 55 -21.92 22.51 -10.96
C ILE A 55 -22.95 21.45 -10.58
N SER A 56 -22.54 20.19 -10.66
CA SER A 56 -23.43 19.08 -10.32
C SER A 56 -23.75 19.05 -8.82
N GLY A 57 -24.87 18.46 -8.45
CA GLY A 57 -25.35 18.47 -7.06
C GLY A 57 -24.41 17.82 -6.06
N ASN A 58 -23.47 17.00 -6.55
CA ASN A 58 -22.46 16.40 -5.67
C ASN A 58 -21.26 17.30 -5.34
N GLN A 59 -21.30 18.52 -5.87
CA GLN A 59 -20.33 19.53 -5.51
C GLN A 59 -21.02 20.71 -4.84
N GLU A 60 -20.26 21.43 -4.06
CA GLU A 60 -20.68 22.71 -3.50
C GLU A 60 -19.49 23.64 -3.56
N THR A 61 -19.67 24.81 -4.18
CA THR A 61 -18.55 25.72 -4.43
C THR A 61 -17.88 26.19 -3.16
N ARG A 62 -16.55 26.19 -3.14
CA ARG A 62 -15.80 26.77 -2.02
C ARG A 62 -15.14 28.09 -2.39
N THR A 63 -14.33 28.07 -3.44
CA THR A 63 -13.53 29.23 -3.85
C THR A 63 -13.59 29.44 -5.38
N VAL A 64 -13.58 30.70 -5.80
CA VAL A 64 -13.50 31.06 -7.21
C VAL A 64 -12.51 32.19 -7.31
N THR A 65 -11.46 32.01 -8.12
CA THR A 65 -10.50 33.06 -8.33
C THR A 65 -10.42 33.40 -9.80
N ILE A 66 -10.20 34.68 -10.08
CA ILE A 66 -10.00 35.15 -11.45
C ILE A 66 -8.72 35.96 -11.43
N ASN A 67 -7.78 35.64 -12.34
CA ASN A 67 -6.48 36.29 -12.34
C ASN A 67 -5.85 36.28 -10.92
N GLY A 68 -5.91 35.14 -10.26
CA GLY A 68 -5.34 34.98 -8.92
C GLY A 68 -6.07 35.61 -7.74
N LYS A 69 -7.14 36.34 -7.98
CA LYS A 69 -7.84 37.07 -6.91
C LYS A 69 -9.22 36.50 -6.68
N ASN A 70 -9.71 36.56 -5.46
CA ASN A 70 -11.10 36.16 -5.21
C ASN A 70 -12.06 36.95 -6.08
N ALA A 71 -12.89 36.20 -6.84
CA ALA A 71 -13.93 36.74 -7.70
C ALA A 71 -15.08 37.37 -6.91
N ALA A 72 -15.58 38.51 -7.38
CA ALA A 72 -16.80 39.06 -6.81
C ALA A 72 -17.92 38.05 -7.12
N ASN A 73 -18.69 37.71 -6.09
CA ASN A 73 -19.81 36.80 -6.20
C ASN A 73 -21.07 37.58 -6.57
N GLY A 74 -21.52 37.38 -7.80
CA GLY A 74 -22.76 37.99 -8.29
C GLY A 74 -24.01 37.26 -7.84
N GLY A 75 -23.84 36.12 -7.16
CA GLY A 75 -25.00 35.38 -6.67
C GLY A 75 -25.77 34.61 -7.72
N VAL A 76 -26.93 34.11 -7.33
CA VAL A 76 -27.67 33.12 -8.10
C VAL A 76 -28.46 33.73 -9.27
N ALA A 82 -29.59 27.20 -10.07
CA ALA A 82 -28.65 26.35 -10.80
C ALA A 82 -27.36 27.05 -11.28
N TRP A 83 -27.42 28.36 -11.57
CA TRP A 83 -26.22 29.07 -12.02
C TRP A 83 -25.77 30.13 -11.01
N ASN A 84 -24.47 30.43 -10.98
CA ASN A 84 -23.98 31.49 -10.13
C ASN A 84 -23.04 32.37 -10.92
N LEU A 85 -23.21 33.68 -10.77
CA LEU A 85 -22.30 34.63 -11.42
C LEU A 85 -21.07 35.01 -10.58
N TYR A 86 -19.90 35.00 -11.24
CA TYR A 86 -18.61 35.48 -10.68
C TYR A 86 -17.95 36.43 -11.65
N THR A 87 -17.40 37.53 -11.14
CA THR A 87 -16.75 38.53 -11.98
C THR A 87 -15.41 38.95 -11.41
N GLY A 88 -14.52 39.40 -12.29
CA GLY A 88 -13.19 39.77 -11.88
C GLY A 88 -12.48 40.46 -13.03
N GLU A 89 -11.16 40.42 -12.99
CA GLU A 89 -10.35 41.18 -13.93
C GLU A 89 -10.09 40.35 -15.17
N SER A 90 -10.12 41.01 -16.32
CA SER A 90 -9.77 40.36 -17.57
C SER A 90 -8.34 40.73 -17.99
N VAL A 91 -7.50 39.72 -18.23
CA VAL A 91 -6.15 39.93 -18.73
C VAL A 91 -5.93 38.93 -19.87
N ASN A 92 -4.94 39.16 -20.74
CA ASN A 92 -4.86 38.34 -21.96
C ASN A 92 -4.56 36.85 -21.75
N ASN A 93 -3.72 36.54 -20.77
CA ASN A 93 -3.52 35.16 -20.34
C ASN A 93 -4.04 35.04 -18.90
N ASN A 94 -5.30 34.62 -18.78
CA ASN A 94 -6.03 34.70 -17.52
C ASN A 94 -6.33 33.30 -17.03
N VAL A 95 -6.61 33.14 -15.74
CA VAL A 95 -7.04 31.84 -15.21
C VAL A 95 -8.26 32.02 -14.29
N LEU A 96 -9.28 31.20 -14.56
CA LEU A 96 -10.44 31.08 -13.72
C LEU A 96 -10.28 29.74 -13.00
N ARG A 97 -10.27 29.76 -11.68
CA ARG A 97 -10.04 28.56 -10.90
C ARG A 97 -11.21 28.38 -9.93
N ILE A 98 -11.91 27.26 -10.07
CA ILE A 98 -13.10 26.99 -9.29
C ILE A 98 -12.85 25.77 -8.46
N THR A 99 -13.00 25.90 -7.15
CA THR A 99 -12.78 24.79 -6.23
C THR A 99 -14.03 24.42 -5.49
N THR A 100 -14.36 23.12 -5.51
CA THR A 100 -15.58 22.62 -4.89
C THR A 100 -15.29 21.55 -3.87
N GLN A 101 -16.15 21.46 -2.87
CA GLN A 101 -16.19 20.29 -2.01
C GLN A 101 -17.05 19.19 -2.67
N VAL A 102 -16.44 18.05 -2.99
CA VAL A 102 -17.19 16.91 -3.51
C VAL A 102 -17.76 16.15 -2.30
N ASN A 103 -18.99 15.66 -2.40
CA ASN A 103 -19.58 14.84 -1.32
C ASN A 103 -18.89 13.47 -1.19
N ASP A 104 -19.36 12.63 -0.29
CA ASP A 104 -18.71 11.34 -0.02
C ASP A 104 -18.93 10.34 -1.15
N THR A 105 -20.08 10.44 -1.81
CA THR A 105 -20.39 9.54 -2.91
C THR A 105 -19.44 9.70 -4.10
N GLY A 106 -19.10 10.94 -4.44
CA GLY A 106 -18.39 11.21 -5.72
C GLY A 106 -19.25 10.80 -6.92
N GLY A 107 -18.65 10.13 -7.90
CA GLY A 107 -19.34 9.79 -9.15
C GLY A 107 -19.04 10.86 -10.21
N GLU A 108 -19.91 10.95 -11.21
CA GLU A 108 -19.72 11.93 -12.28
C GLU A 108 -19.84 13.33 -11.71
N VAL A 109 -18.88 14.19 -12.02
CA VAL A 109 -19.00 15.61 -11.63
C VAL A 109 -19.12 16.46 -12.90
N LYS A 110 -19.85 17.55 -12.82
CA LYS A 110 -20.02 18.39 -14.00
C LYS A 110 -19.69 19.83 -13.63
N LEU A 111 -19.16 20.55 -14.60
CA LEU A 111 -18.98 22.00 -14.54
C LEU A 111 -19.55 22.58 -15.85
N GLY A 112 -20.50 23.51 -15.73
CA GLY A 112 -20.99 24.26 -16.90
C GLY A 112 -20.51 25.72 -16.86
N LEU A 113 -20.20 26.29 -18.02
CA LEU A 113 -19.66 27.66 -18.12
C LEU A 113 -20.25 28.50 -19.23
N ARG A 114 -20.62 29.73 -18.86
CA ARG A 114 -20.87 30.80 -19.81
C ARG A 114 -19.91 31.94 -19.46
N LEU A 115 -19.01 32.27 -20.38
CA LEU A 115 -17.91 33.18 -20.08
C LEU A 115 -18.05 34.41 -20.97
N VAL A 116 -17.67 35.58 -20.45
CA VAL A 116 -17.61 36.84 -21.23
C VAL A 116 -16.44 37.75 -20.78
N THR A 117 -15.99 38.60 -21.71
CA THR A 117 -15.26 39.81 -21.33
C THR A 117 -16.08 41.03 -21.70
N SER A 118 -15.77 42.15 -21.07
CA SER A 118 -16.50 43.37 -21.40
C SER A 118 -15.79 44.55 -20.82
N ASP A 119 -16.04 45.70 -21.44
CA ASP A 119 -15.70 47.00 -20.86
C ASP A 119 -16.86 47.52 -20.02
N LYS A 120 -18.02 46.88 -20.11
CA LYS A 120 -19.12 47.16 -19.19
C LYS A 120 -19.00 46.31 -17.92
N LYS A 121 -19.64 46.76 -16.84
CA LYS A 121 -19.75 45.96 -15.64
C LYS A 121 -20.64 44.81 -16.03
N ILE A 122 -20.23 43.60 -15.68
CA ILE A 122 -20.97 42.41 -16.06
C ILE A 122 -21.96 42.13 -14.93
N THR A 123 -23.23 42.03 -15.26
CA THR A 123 -24.26 41.79 -14.27
C THR A 123 -25.11 40.59 -14.68
N LYS A 124 -25.98 40.13 -13.79
CA LYS A 124 -26.87 39.01 -14.11
C LYS A 124 -27.93 39.38 -15.17
N THR A 125 -28.34 40.64 -15.18
CA THR A 125 -29.34 41.07 -16.19
C THR A 125 -28.75 41.25 -17.60
N ASN A 126 -27.44 41.49 -17.67
CA ASN A 126 -26.82 41.72 -18.98
C ASN A 126 -25.90 40.60 -19.55
N LEU A 127 -25.78 39.47 -18.89
CA LEU A 127 -24.99 38.41 -19.45
C LEU A 127 -25.75 37.81 -20.61
N PRO A 128 -25.07 37.63 -21.74
CA PRO A 128 -25.70 36.95 -22.87
C PRO A 128 -25.70 35.43 -22.67
N LEU A 129 -26.78 34.76 -23.07
CA LEU A 129 -26.83 33.30 -22.92
C LEU A 129 -26.38 32.55 -24.16
N GLU A 130 -26.13 33.30 -25.24
CA GLU A 130 -25.78 32.73 -26.54
CA GLU A 130 -25.80 32.75 -26.53
C GLU A 130 -24.96 33.78 -27.30
N PHE A 131 -24.12 33.30 -28.20
CA PHE A 131 -23.20 34.13 -28.95
C PHE A 131 -23.88 35.31 -29.61
N SER A 132 -25.06 35.04 -30.16
CA SER A 132 -25.79 36.03 -30.96
C SER A 132 -26.27 37.25 -30.13
N GLN A 133 -26.33 37.11 -28.81
CA GLN A 133 -26.81 38.21 -27.95
C GLN A 133 -25.64 39.02 -27.39
N VAL A 134 -24.43 38.66 -27.79
CA VAL A 134 -23.24 39.24 -27.17
C VAL A 134 -23.06 40.70 -27.56
N ALA A 135 -23.18 40.99 -28.85
CA ALA A 135 -22.91 42.33 -29.35
C ALA A 135 -23.80 43.40 -28.66
N ALA A 136 -25.07 43.07 -28.46
CA ALA A 136 -26.01 44.01 -27.83
C ALA A 136 -25.84 44.12 -26.31
N THR A 137 -25.11 43.18 -25.70
CA THR A 137 -24.91 43.20 -24.24
C THR A 137 -23.43 43.47 -23.86
N THR A 138 -22.67 42.44 -23.55
CA THR A 138 -21.31 42.66 -23.02
C THR A 138 -20.32 43.07 -24.10
N ASN A 139 -20.62 42.68 -25.32
CA ASN A 139 -19.89 43.11 -26.53
C ASN A 139 -18.40 42.85 -26.45
N GLY A 140 -18.02 41.67 -25.99
CA GLY A 140 -16.61 41.32 -26.00
C GLY A 140 -16.48 39.87 -26.38
N SER A 141 -15.55 39.20 -25.72
CA SER A 141 -15.33 37.80 -25.97
C SER A 141 -16.41 36.94 -25.31
N TRP A 142 -16.52 35.71 -25.77
CA TRP A 142 -17.58 34.85 -25.25
C TRP A 142 -17.15 33.39 -25.32
N ASP A 143 -17.62 32.58 -24.38
CA ASP A 143 -17.51 31.13 -24.53
C ASP A 143 -18.61 30.40 -23.81
N LYS A 144 -18.79 29.13 -24.19
CA LYS A 144 -19.85 28.31 -23.64
C LYS A 144 -19.45 26.84 -23.74
N ALA A 145 -19.28 26.21 -22.57
CA ALA A 145 -18.84 24.81 -22.50
C ALA A 145 -19.36 24.12 -21.24
N GLY A 146 -19.39 22.80 -21.29
CA GLY A 146 -19.69 21.94 -20.13
C GLY A 146 -18.65 20.80 -20.12
N TYR A 147 -18.16 20.45 -18.93
CA TYR A 147 -17.16 19.41 -18.76
C TYR A 147 -17.64 18.38 -17.74
N ASN A 148 -17.09 17.18 -17.85
CA ASN A 148 -17.45 16.14 -16.92
C ASN A 148 -16.29 15.23 -16.70
N THR A 149 -16.25 14.66 -15.51
CA THR A 149 -15.27 13.66 -15.16
C THR A 149 -15.83 12.88 -13.99
N THR A 150 -15.06 11.91 -13.49
CA THR A 150 -15.50 11.00 -12.46
C THR A 150 -14.55 11.05 -11.28
N ILE A 151 -15.12 11.18 -10.10
CA ILE A 151 -14.37 11.24 -8.87
C ILE A 151 -14.71 9.99 -8.10
N VAL A 152 -13.69 9.39 -7.47
CA VAL A 152 -13.88 8.16 -6.75
C VAL A 152 -14.76 8.38 -5.54
N GLU A 153 -15.44 7.34 -5.10
CA GLU A 153 -16.16 7.39 -3.84
C GLU A 153 -15.14 7.53 -2.72
N LYS A 154 -15.53 8.18 -1.61
CA LYS A 154 -14.68 8.24 -0.44
C LYS A 154 -14.43 6.82 0.06
N ASP A 155 -13.17 6.45 0.14
CA ASP A 155 -12.80 5.09 0.53
C ASP A 155 -12.37 5.06 1.99
N THR A 156 -13.21 4.45 2.83
CA THR A 156 -12.98 4.29 4.25
C THR A 156 -12.77 2.82 4.66
N GLU A 157 -12.63 1.92 3.68
CA GLU A 157 -12.48 0.48 3.99
C GLU A 157 -11.04 0.07 3.79
N ARG A 158 -10.45 -0.56 4.81
CA ARG A 158 -9.03 -0.94 4.77
C ARG A 158 -8.82 -2.12 3.82
N PRO A 159 -7.64 -2.18 3.16
CA PRO A 159 -7.18 -3.30 2.33
C PRO A 159 -6.94 -4.51 3.18
N VAL A 160 -7.05 -5.70 2.59
CA VAL A 160 -6.96 -6.92 3.36
C VAL A 160 -5.86 -7.77 2.78
N VAL A 161 -4.92 -8.16 3.65
CA VAL A 161 -3.78 -8.98 3.26
C VAL A 161 -4.13 -10.46 3.56
N ASN A 162 -3.79 -11.35 2.62
CA ASN A 162 -3.78 -12.78 2.89
C ASN A 162 -2.34 -13.26 2.84
N VAL A 163 -1.85 -13.70 3.98
CA VAL A 163 -0.48 -14.14 4.11
C VAL A 163 -0.53 -15.50 4.81
N PRO A 164 0.36 -16.45 4.46
CA PRO A 164 0.43 -17.68 5.27
C PRO A 164 0.61 -17.33 6.76
N SER A 165 -0.13 -18.01 7.64
CA SER A 165 -0.01 -17.74 9.07
C SER A 165 1.43 -17.97 9.60
N GLU A 166 2.15 -18.86 8.93
CA GLU A 166 3.49 -19.20 9.31
C GLU A 166 4.34 -19.32 8.05
N ILE A 167 5.52 -18.73 8.09
CA ILE A 167 6.47 -18.81 7.01
C ILE A 167 7.68 -19.47 7.62
N THR A 168 8.00 -20.69 7.15
CA THR A 168 9.13 -21.47 7.72
C THR A 168 10.32 -21.49 6.78
N VAL A 169 11.49 -21.19 7.34
CA VAL A 169 12.71 -21.06 6.55
C VAL A 169 13.81 -21.83 7.24
N TYR A 170 14.85 -22.14 6.50
CA TYR A 170 15.86 -23.07 6.97
C TYR A 170 17.23 -22.45 6.78
N ARG A 171 18.07 -22.61 7.79
CA ARG A 171 19.37 -21.96 7.79
C ARG A 171 20.23 -22.53 6.69
N GLY A 172 20.86 -21.65 5.91
CA GLY A 172 21.66 -22.09 4.78
C GLY A 172 20.90 -22.23 3.48
N GLU A 173 19.58 -22.02 3.49
CA GLU A 173 18.76 -22.23 2.30
C GLU A 173 18.03 -20.97 1.92
N SER A 174 17.59 -20.90 0.66
CA SER A 174 16.75 -19.80 0.18
C SER A 174 15.29 -20.14 0.48
N PHE A 175 14.43 -19.11 0.54
CA PHE A 175 12.98 -19.31 0.65
C PHE A 175 12.22 -18.33 -0.24
N GLU A 176 10.95 -18.64 -0.48
CA GLU A 176 10.07 -17.78 -1.24
C GLU A 176 8.66 -18.18 -0.81
N TYR A 177 7.94 -17.20 -0.29
CA TYR A 177 6.51 -17.31 -0.05
C TYR A 177 5.76 -16.13 -0.68
N PHE A 178 4.45 -16.25 -0.75
CA PHE A 178 3.66 -15.19 -1.35
C PHE A 178 2.47 -14.77 -0.50
N ALA A 179 2.31 -13.46 -0.38
CA ALA A 179 1.09 -12.83 0.15
C ALA A 179 0.33 -12.10 -0.95
N THR A 180 -0.96 -11.93 -0.75
CA THR A 180 -1.80 -11.13 -1.63
C THR A 180 -2.48 -10.00 -0.86
N VAL A 181 -2.77 -8.89 -1.55
CA VAL A 181 -3.59 -7.83 -0.95
C VAL A 181 -4.77 -7.52 -1.87
N THR A 182 -5.93 -7.34 -1.27
CA THR A 182 -7.08 -6.86 -2.03
C THR A 182 -7.63 -5.61 -1.38
N ASP A 183 -8.42 -4.85 -2.13
CA ASP A 183 -9.09 -3.67 -1.58
C ASP A 183 -10.40 -3.42 -2.34
N ASN A 184 -11.42 -2.94 -1.63
CA ASN A 184 -12.70 -2.59 -2.23
C ASN A 184 -12.56 -1.62 -3.42
N SER A 185 -11.53 -0.76 -3.38
CA SER A 185 -11.29 0.21 -4.43
C SER A 185 -10.50 -0.37 -5.60
N ASN A 186 -9.87 -1.52 -5.38
CA ASN A 186 -8.94 -2.12 -6.33
C ASN A 186 -7.80 -1.18 -6.73
N ALA A 187 -7.56 -0.15 -5.92
CA ALA A 187 -6.46 0.80 -6.17
C ALA A 187 -5.55 0.98 -4.95
N PHE A 188 -4.25 0.83 -5.18
CA PHE A 188 -3.27 0.68 -4.09
C PHE A 188 -2.15 1.69 -4.11
N ASP A 189 -1.38 1.74 -3.02
CA ASP A 189 -0.11 2.50 -2.98
C ASP A 189 0.98 1.50 -2.73
N LEU A 190 1.63 1.06 -3.80
CA LEU A 190 2.63 -0.01 -3.73
C LEU A 190 3.85 0.40 -2.93
N ALA A 191 4.24 1.69 -3.04
CA ALA A 191 5.38 2.25 -2.25
C ALA A 191 5.21 2.18 -0.73
N LYS A 192 3.95 2.26 -0.30
CA LYS A 192 3.62 2.15 1.11
C LYS A 192 3.11 0.77 1.51
N THR A 193 3.47 -0.25 0.72
CA THR A 193 3.14 -1.63 1.02
C THR A 193 4.44 -2.35 1.32
N VAL A 194 4.54 -2.85 2.56
CA VAL A 194 5.83 -3.31 3.08
C VAL A 194 5.72 -4.60 3.89
N VAL A 195 6.86 -5.25 4.09
CA VAL A 195 6.97 -6.33 5.06
C VAL A 195 7.99 -5.85 6.10
N ARG A 196 7.61 -5.90 7.39
CA ARG A 196 8.41 -5.28 8.43
C ARG A 196 8.17 -5.92 9.78
N TRP A 197 9.13 -5.72 10.68
CA TRP A 197 8.90 -5.94 12.08
C TRP A 197 8.15 -4.77 12.71
N LEU A 198 7.80 -4.92 13.98
CA LEU A 198 6.98 -3.96 14.70
C LEU A 198 7.55 -2.53 14.70
N TYR A 199 8.81 -2.40 15.07
CA TYR A 199 9.37 -1.14 15.61
C TYR A 199 9.63 -0.09 14.55
N SER A 200 9.96 -0.55 13.34
CA SER A 200 10.31 0.37 12.25
C SER A 200 10.07 -0.35 10.91
N ASN A 201 10.00 0.41 9.82
CA ASN A 201 9.88 -0.15 8.49
C ASN A 201 11.19 -0.78 7.99
N GLN A 202 11.51 -1.92 8.55
CA GLN A 202 12.76 -2.62 8.29
C GLN A 202 12.43 -4.07 8.48
N PRO A 203 13.23 -4.98 7.90
CA PRO A 203 12.92 -6.37 8.09
C PRO A 203 13.13 -6.86 9.54
N GLY A 204 13.94 -6.15 10.36
CA GLY A 204 14.06 -6.53 11.77
C GLY A 204 15.42 -7.06 12.20
N ARG A 205 15.78 -6.77 13.44
CA ARG A 205 17.05 -7.22 13.97
C ARG A 205 17.02 -8.73 14.09
N GLY A 206 18.07 -9.36 13.59
CA GLY A 206 18.14 -10.83 13.57
C GLY A 206 17.60 -11.49 12.31
N THR A 207 16.88 -10.70 11.51
CA THR A 207 16.24 -11.15 10.26
C THR A 207 16.43 -10.10 9.13
N GLU A 208 17.61 -9.47 9.08
CA GLU A 208 17.94 -8.45 8.09
C GLU A 208 17.88 -9.01 6.67
N TRP A 209 18.07 -10.32 6.56
CA TRP A 209 18.02 -11.09 5.31
C TRP A 209 16.60 -11.29 4.73
N LEU A 210 15.57 -10.88 5.50
CA LEU A 210 14.21 -10.99 5.01
C LEU A 210 13.97 -9.92 3.94
N GLN A 211 13.72 -10.35 2.69
CA GLN A 211 13.43 -9.39 1.61
C GLN A 211 11.98 -9.48 1.11
N TYR A 212 11.54 -8.46 0.39
CA TYR A 212 10.21 -8.57 -0.24
C TYR A 212 10.14 -7.73 -1.48
N SER A 213 9.16 -8.03 -2.34
CA SER A 213 8.87 -7.14 -3.46
C SER A 213 7.38 -7.15 -3.68
N VAL A 214 6.90 -6.07 -4.29
CA VAL A 214 5.46 -5.88 -4.48
C VAL A 214 5.13 -5.58 -5.92
N THR A 215 4.22 -6.36 -6.48
CA THR A 215 3.73 -6.04 -7.82
C THR A 215 2.18 -5.95 -7.82
N GLN A 216 1.61 -5.16 -8.72
CA GLN A 216 0.15 -5.21 -8.92
C GLN A 216 -0.12 -6.18 -10.05
N VAL A 217 -0.95 -7.20 -9.77
CA VAL A 217 -1.35 -8.18 -10.77
C VAL A 217 -2.88 -8.12 -10.87
N GLY A 218 -3.41 -7.48 -11.91
CA GLY A 218 -4.86 -7.26 -12.03
C GLY A 218 -5.34 -6.36 -10.92
N ASN A 219 -6.33 -6.82 -10.14
CA ASN A 219 -6.86 -5.98 -9.05
C ASN A 219 -6.26 -6.34 -7.66
N GLN A 220 -5.18 -7.11 -7.67
CA GLN A 220 -4.54 -7.49 -6.44
C GLN A 220 -3.08 -7.04 -6.42
N LEU A 221 -2.53 -6.96 -5.22
CA LEU A 221 -1.08 -6.85 -5.04
C LEU A 221 -0.55 -8.25 -4.81
N LYS A 222 0.64 -8.52 -5.35
CA LYS A 222 1.29 -9.78 -5.13
C LYS A 222 2.57 -9.42 -4.40
N VAL A 223 2.74 -9.93 -3.19
CA VAL A 223 3.90 -9.64 -2.34
C VAL A 223 4.79 -10.89 -2.21
N ARG A 224 6.00 -10.79 -2.76
CA ARG A 224 6.98 -11.85 -2.73
C ARG A 224 7.81 -11.69 -1.48
N ILE A 225 7.91 -12.75 -0.70
CA ILE A 225 8.65 -12.66 0.54
C ILE A 225 9.72 -13.71 0.38
N PHE A 226 10.99 -13.30 0.39
CA PHE A 226 12.03 -14.21 -0.07
C PHE A 226 13.35 -13.85 0.57
N GLY A 227 14.35 -14.71 0.41
CA GLY A 227 15.70 -14.37 0.81
C GLY A 227 16.57 -15.58 0.99
N ASN A 228 17.78 -15.37 1.48
CA ASN A 228 18.69 -16.46 1.81
C ASN A 228 18.98 -16.41 3.31
N VAL A 229 18.79 -17.52 4.00
CA VAL A 229 18.90 -17.51 5.45
C VAL A 229 20.35 -17.83 5.85
N PRO A 230 21.01 -16.94 6.61
CA PRO A 230 22.37 -17.27 7.00
C PRO A 230 22.40 -18.57 7.80
N ILE A 231 23.52 -19.27 7.70
CA ILE A 231 23.72 -20.58 8.34
C ILE A 231 23.84 -20.43 9.86
N ASP A 232 24.08 -19.18 10.31
CA ASP A 232 24.28 -18.87 11.73
C ASP A 232 23.31 -17.84 12.33
N THR A 233 22.22 -17.57 11.64
CA THR A 233 21.18 -16.69 12.20
C THR A 233 20.51 -17.41 13.38
N THR A 234 19.84 -16.66 14.25
CA THR A 234 19.25 -17.24 15.44
C THR A 234 18.07 -18.17 15.12
N ILE A 235 18.06 -19.32 15.79
CA ILE A 235 16.97 -20.28 15.64
C ILE A 235 15.83 -19.84 16.51
N GLY A 236 14.63 -19.76 15.92
CA GLY A 236 13.45 -19.46 16.70
C GLY A 236 12.38 -18.81 15.86
N ASP A 237 11.50 -18.05 16.51
CA ASP A 237 10.42 -17.45 15.76
C ASP A 237 10.20 -15.97 16.05
N TYR A 238 9.64 -15.27 15.06
CA TYR A 238 9.50 -13.84 15.13
C TYR A 238 8.13 -13.48 14.57
N THR A 239 7.52 -12.43 15.10
CA THR A 239 6.34 -11.84 14.47
C THR A 239 6.77 -10.77 13.48
N ARG A 240 6.19 -10.81 12.28
CA ARG A 240 6.44 -9.81 11.24
C ARG A 240 5.09 -9.48 10.64
N TYR A 241 5.05 -8.43 9.82
CA TYR A 241 3.79 -7.83 9.41
C TYR A 241 3.81 -7.47 7.93
N VAL A 242 2.76 -7.85 7.21
CA VAL A 242 2.56 -7.30 5.87
C VAL A 242 1.62 -6.14 6.07
N VAL A 243 2.10 -4.93 5.74
CA VAL A 243 1.35 -3.69 5.96
C VAL A 243 1.16 -3.03 4.63
N ALA A 244 -0.10 -3.02 4.19
CA ALA A 244 -0.44 -2.51 2.89
C ALA A 244 -1.33 -1.28 3.00
N THR A 245 -1.21 -0.42 2.02
CA THR A 245 -1.92 0.85 2.02
C THR A 245 -2.71 0.95 0.73
N ASP A 246 -3.99 1.34 0.82
CA ASP A 246 -4.75 1.50 -0.42
C ASP A 246 -4.50 2.92 -1.00
N ALA A 247 -4.92 3.16 -2.24
CA ALA A 247 -4.78 4.48 -2.88
C ALA A 247 -5.26 5.64 -1.99
N ALA A 248 -6.35 5.41 -1.25
CA ALA A 248 -6.93 6.41 -0.35
C ALA A 248 -6.09 6.61 0.93
N GLY A 249 -5.18 5.69 1.22
CA GLY A 249 -4.31 5.87 2.40
C GLY A 249 -4.68 4.99 3.59
N ASN A 250 -5.75 4.21 3.45
CA ASN A 250 -6.12 3.24 4.51
C ASN A 250 -5.07 2.13 4.62
N VAL A 251 -4.75 1.74 5.85
CA VAL A 251 -3.82 0.61 6.02
C VAL A 251 -4.53 -0.58 6.66
N ASN A 252 -4.09 -1.81 6.36
CA ASN A 252 -4.71 -2.98 6.99
C ASN A 252 -4.50 -3.03 8.49
N ALA A 253 -3.31 -2.65 8.91
CA ALA A 253 -2.97 -2.67 10.32
C ALA A 253 -2.18 -1.40 10.62
N THR A 254 -2.62 -0.65 11.62
CA THR A 254 -1.90 0.56 11.96
C THR A 254 -0.72 0.32 12.92
N GLN A 255 0.17 1.31 13.02
CA GLN A 255 1.27 1.22 14.00
C GLN A 255 0.78 0.94 15.44
N THR A 256 -0.24 1.66 15.91
CA THR A 256 -0.87 1.37 17.22
C THR A 256 -1.34 -0.07 17.36
N GLU A 257 -2.02 -0.56 16.33
CA GLU A 257 -2.55 -1.95 16.35
C GLU A 257 -1.46 -3.01 16.45
N MET A 258 -0.40 -2.82 15.66
CA MET A 258 0.74 -3.72 15.70
CA MET A 258 0.72 -3.75 15.69
C MET A 258 1.36 -3.79 17.10
N GLY A 259 1.49 -2.62 17.71
CA GLY A 259 2.07 -2.49 19.07
C GLY A 259 1.20 -3.21 20.08
N ASN A 260 -0.12 -2.98 20.03
CA ASN A 260 -1.06 -3.72 20.91
C ASN A 260 -1.00 -5.21 20.70
N ALA A 261 -0.99 -5.64 19.45
CA ALA A 261 -0.93 -7.06 19.14
C ALA A 261 0.35 -7.70 19.68
N ALA A 262 1.47 -6.98 19.55
CA ALA A 262 2.75 -7.50 20.02
C ALA A 262 2.76 -7.69 21.54
N VAL A 263 2.19 -6.74 22.28
CA VAL A 263 2.20 -6.78 23.76
C VAL A 263 1.17 -7.77 24.31
N ASP A 264 -0.02 -7.77 23.71
CA ASP A 264 -1.13 -8.60 24.16
C ASP A 264 -1.06 -10.04 23.65
N LYS A 265 -0.16 -10.29 22.68
CA LYS A 265 -0.10 -11.56 21.90
C LYS A 265 -1.43 -11.90 21.20
N THR A 266 -1.91 -10.94 20.41
CA THR A 266 -3.13 -11.07 19.61
C THR A 266 -2.68 -10.78 18.20
N SER A 267 -3.58 -10.81 17.22
CA SER A 267 -3.10 -10.77 15.86
C SER A 267 -3.79 -9.67 15.14
N VAL A 268 -3.08 -9.17 14.12
CA VAL A 268 -3.63 -8.19 13.22
C VAL A 268 -3.70 -8.80 11.82
N ASN A 269 -4.49 -8.20 10.92
CA ASN A 269 -4.50 -8.65 9.54
C ASN A 269 -3.10 -8.42 8.98
N GLY A 270 -2.57 -9.39 8.23
CA GLY A 270 -1.21 -9.30 7.68
C GLY A 270 -0.03 -9.79 8.50
N GLN A 271 -0.28 -10.17 9.75
CA GLN A 271 0.76 -10.66 10.65
C GLN A 271 1.11 -12.09 10.26
N PHE A 272 2.37 -12.46 10.40
CA PHE A 272 2.76 -13.87 10.30
C PHE A 272 3.89 -14.18 11.27
N LYS A 273 4.07 -15.46 11.55
CA LYS A 273 5.13 -15.90 12.40
C LYS A 273 6.24 -16.39 11.48
N LEU A 274 7.41 -15.80 11.60
CA LEU A 274 8.57 -16.24 10.81
C LEU A 274 9.33 -17.23 11.68
N ILE A 275 9.43 -18.47 11.20
CA ILE A 275 10.06 -19.55 11.98
C ILE A 275 11.34 -19.99 11.28
N ILE A 276 12.45 -19.88 12.01
CA ILE A 276 13.78 -20.26 11.52
C ILE A 276 14.10 -21.62 12.08
N ARG A 277 14.33 -22.58 11.20
CA ARG A 277 14.65 -23.94 11.58
C ARG A 277 16.03 -24.34 11.09
N PHE A 278 16.64 -25.25 11.83
CA PHE A 278 17.85 -25.94 11.39
C PHE A 278 17.40 -27.05 10.45
N ARG A 279 18.14 -27.28 9.36
CA ARG A 279 17.87 -28.45 8.48
C ARG A 279 18.69 -29.63 8.93
N ILE A 280 18.03 -30.57 9.59
CA ILE A 280 18.72 -31.70 10.19
C ILE A 280 19.18 -32.70 9.11
N LYS A 281 20.31 -33.35 9.34
CA LYS A 281 20.82 -34.40 8.47
C LYS A 281 20.99 -35.69 9.25
N THR A 282 20.43 -36.79 8.74
CA THR A 282 20.69 -38.14 9.27
C THR A 282 22.14 -38.52 9.03
N PRO A 283 22.83 -39.08 10.04
CA PRO A 283 24.17 -39.65 9.83
C PRO A 283 24.20 -40.67 8.71
N GLU A 284 25.30 -40.63 7.96
CA GLU A 284 25.56 -41.63 6.93
C GLU A 284 26.56 -42.62 7.48
N ASN A 285 27.39 -42.14 8.40
CA ASN A 285 28.38 -42.97 9.09
C ASN A 285 27.71 -43.87 10.15
N THR A 286 27.89 -45.19 10.01
CA THR A 286 27.23 -46.16 10.86
C THR A 286 27.77 -46.18 12.29
N VAL A 287 26.85 -46.20 13.27
CA VAL A 287 27.22 -46.45 14.66
C VAL A 287 26.88 -47.90 14.97
N PHE A 288 27.86 -48.65 15.50
CA PHE A 288 27.72 -50.06 15.89
C PHE A 288 27.53 -50.20 17.39
N VAL A 289 26.50 -50.94 17.74
CA VAL A 289 26.08 -51.09 19.12
C VAL A 289 25.93 -52.57 19.47
N ASN A 290 25.99 -52.90 20.76
CA ASN A 290 25.82 -54.28 21.22
C ASN A 290 24.38 -54.76 21.12
N ASN A 291 23.45 -53.93 21.56
CA ASN A 291 22.02 -54.27 21.52
C ASN A 291 21.30 -53.03 21.06
N PRO A 292 20.71 -53.07 19.87
CA PRO A 292 20.11 -51.87 19.27
C PRO A 292 18.85 -51.43 20.02
N ASN A 293 18.34 -52.28 20.91
CA ASN A 293 17.18 -51.92 21.75
C ASN A 293 17.55 -51.46 23.15
N GLN A 294 18.81 -51.60 23.54
CA GLN A 294 19.28 -51.14 24.84
C GLN A 294 20.71 -50.65 24.68
N LEU A 295 20.86 -49.47 24.08
CA LEU A 295 22.20 -48.88 23.98
C LEU A 295 22.74 -48.59 25.37
N THR A 296 24.05 -48.77 25.53
CA THR A 296 24.73 -48.37 26.77
C THR A 296 24.93 -46.87 26.78
N GLU A 297 25.35 -46.31 27.90
CA GLU A 297 25.57 -44.85 27.93
C GLU A 297 26.73 -44.47 27.01
N VAL A 298 27.74 -45.34 26.95
CA VAL A 298 28.90 -45.14 26.08
C VAL A 298 28.43 -45.05 24.63
N GLU A 299 27.51 -45.93 24.25
CA GLU A 299 26.97 -45.92 22.89
C GLU A 299 26.10 -44.69 22.59
N LYS A 300 25.32 -44.23 23.56
CA LYS A 300 24.51 -43.01 23.35
CA LYS A 300 24.51 -43.01 23.39
C LYS A 300 25.41 -41.82 23.06
N ASN A 301 26.57 -41.74 23.73
CA ASN A 301 27.53 -40.69 23.45
CA ASN A 301 27.57 -40.71 23.45
C ASN A 301 28.16 -40.85 22.07
N LEU A 302 28.39 -42.10 21.63
CA LEU A 302 28.82 -42.30 20.22
C LEU A 302 27.76 -41.74 19.25
N VAL A 303 26.50 -41.96 19.59
CA VAL A 303 25.39 -41.53 18.75
C VAL A 303 25.30 -40.03 18.68
N ARG A 304 25.35 -39.36 19.84
CA ARG A 304 25.38 -37.90 19.86
C ARG A 304 26.52 -37.34 19.04
N GLU A 305 27.70 -37.92 19.17
CA GLU A 305 28.84 -37.41 18.39
C GLU A 305 28.57 -37.58 16.90
N ALA A 306 27.97 -38.72 16.51
CA ALA A 306 27.69 -38.94 15.07
C ALA A 306 26.65 -37.97 14.52
N VAL A 307 25.65 -37.63 15.32
CA VAL A 307 24.68 -36.61 14.92
C VAL A 307 25.35 -35.22 14.79
N LYS A 308 26.22 -34.88 15.74
CA LYS A 308 27.03 -33.67 15.65
C LYS A 308 27.88 -33.65 14.39
N LYS A 309 28.57 -34.75 14.11
CA LYS A 309 29.41 -34.89 12.89
C LYS A 309 28.66 -34.65 11.60
N SER A 310 27.47 -35.26 11.51
CA SER A 310 26.63 -35.18 10.34
C SER A 310 25.91 -33.85 10.22
N ASN A 311 25.98 -33.05 11.28
CA ASN A 311 25.35 -31.72 11.34
C ASN A 311 26.31 -30.60 11.83
N PRO A 312 27.46 -30.40 11.15
CA PRO A 312 28.55 -29.61 11.74
C PRO A 312 28.25 -28.14 11.96
N ASP A 313 27.15 -27.65 11.38
CA ASP A 313 26.73 -26.26 11.56
C ASP A 313 25.80 -26.07 12.76
N LEU A 314 25.51 -27.16 13.44
CA LEU A 314 24.75 -27.13 14.68
C LEU A 314 25.71 -26.78 15.82
N ARG A 315 25.59 -25.56 16.33
CA ARG A 315 26.46 -25.07 17.39
C ARG A 315 25.84 -25.37 18.74
N ALA A 316 26.66 -25.35 19.80
CA ALA A 316 26.14 -25.48 21.17
C ALA A 316 24.99 -24.52 21.42
N GLN A 317 25.13 -23.25 21.01
CA GLN A 317 24.10 -22.23 21.31
C GLN A 317 22.78 -22.43 20.60
N ASP A 318 22.77 -23.33 19.63
CA ASP A 318 21.59 -23.62 18.82
C ASP A 318 20.65 -24.63 19.48
N VAL A 319 21.15 -25.38 20.47
CA VAL A 319 20.36 -26.39 21.12
C VAL A 319 19.90 -25.93 22.50
N LEU A 320 18.95 -26.67 23.06
CA LEU A 320 18.38 -26.36 24.36
C LEU A 320 19.45 -26.17 25.42
N ASN A 321 19.41 -25.01 26.06
CA ASN A 321 20.28 -24.68 27.16
C ASN A 321 21.75 -24.55 26.72
N SER A 322 21.94 -24.28 25.43
CA SER A 322 23.28 -24.09 24.85
C SER A 322 24.27 -25.18 25.24
N ASN A 323 23.77 -26.42 25.34
CA ASN A 323 24.54 -27.55 25.82
C ASN A 323 24.19 -28.79 24.97
N TYR A 324 25.16 -29.35 24.26
CA TYR A 324 24.91 -30.48 23.37
C TYR A 324 24.35 -31.69 24.12
N VAL A 325 24.75 -31.86 25.38
CA VAL A 325 24.31 -32.99 26.16
C VAL A 325 22.83 -32.86 26.56
N THR A 326 22.42 -31.66 27.00
CA THR A 326 21.00 -31.34 27.28
C THR A 326 20.11 -31.39 26.04
N GLY A 327 20.63 -30.88 24.92
CA GLY A 327 19.80 -30.64 23.73
C GLY A 327 19.69 -31.80 22.78
N ILE A 328 20.72 -32.65 22.77
CA ILE A 328 20.67 -33.85 21.95
C ILE A 328 20.52 -35.10 22.80
N THR A 329 19.32 -35.64 22.85
CA THR A 329 19.08 -36.76 23.77
C THR A 329 18.91 -38.01 22.94
N VAL A 330 19.36 -39.12 23.49
CA VAL A 330 19.32 -40.38 22.77
C VAL A 330 18.59 -41.43 23.59
N SER A 331 17.58 -42.05 22.99
CA SER A 331 16.77 -43.07 23.69
C SER A 331 17.49 -44.42 23.82
N ASN A 332 16.86 -45.37 24.50
CA ASN A 332 17.43 -46.70 24.66
C ASN A 332 17.61 -47.42 23.32
N ASN A 333 16.81 -47.08 22.31
CA ASN A 333 17.03 -47.64 20.97
C ASN A 333 17.77 -46.72 20.00
N GLY A 334 18.34 -45.64 20.53
CA GLY A 334 19.21 -44.77 19.72
C GLY A 334 18.48 -43.71 18.93
N THR A 335 17.15 -43.70 19.03
CA THR A 335 16.37 -42.61 18.47
C THR A 335 16.81 -41.30 19.14
N THR A 336 17.18 -40.34 18.31
CA THR A 336 17.78 -39.09 18.77
C THR A 336 16.85 -37.90 18.63
N THR A 337 16.65 -37.21 19.73
CA THR A 337 15.88 -35.98 19.66
C THR A 337 16.82 -34.80 19.76
N ILE A 338 16.77 -33.90 18.77
CA ILE A 338 17.51 -32.66 18.86
C ILE A 338 16.53 -31.57 19.25
N THR A 339 16.63 -31.10 20.48
CA THR A 339 15.76 -30.03 20.95
C THR A 339 16.56 -28.72 20.85
N TYR A 340 16.03 -27.79 20.06
CA TYR A 340 16.70 -26.54 19.76
C TYR A 340 16.46 -25.54 20.86
N ARG A 341 17.27 -24.49 20.87
CA ARG A 341 17.15 -23.42 21.85
C ARG A 341 15.75 -22.87 22.03
N ASP A 342 14.95 -22.86 20.97
CA ASP A 342 13.55 -22.38 21.03
C ASP A 342 12.54 -23.45 21.49
N GLY A 343 12.99 -24.64 21.87
CA GLY A 343 12.04 -25.71 22.25
C GLY A 343 11.49 -26.58 21.12
N ARG A 344 11.64 -26.13 19.89
CA ARG A 344 11.27 -26.96 18.72
C ARG A 344 12.27 -28.11 18.61
N LYS A 345 11.95 -29.12 17.79
CA LYS A 345 12.78 -30.34 17.79
C LYS A 345 12.70 -31.08 16.48
N ASP A 346 13.74 -31.89 16.27
CA ASP A 346 13.81 -32.90 15.22
C ASP A 346 14.12 -34.26 15.85
N ILE A 347 13.59 -35.33 15.25
CA ILE A 347 13.79 -36.68 15.76
C ILE A 347 14.41 -37.51 14.64
N ILE A 348 15.55 -38.15 14.91
CA ILE A 348 16.17 -39.07 13.97
C ILE A 348 15.98 -40.51 14.47
N ASP A 349 15.31 -41.32 13.65
CA ASP A 349 15.13 -42.74 13.91
C ASP A 349 16.53 -43.35 14.01
N GLY A 350 16.82 -43.97 15.16
CA GLY A 350 18.10 -44.65 15.37
C GLY A 350 18.44 -45.71 14.31
N SER A 351 17.43 -46.45 13.86
CA SER A 351 17.66 -47.53 12.90
C SER A 351 18.22 -47.07 11.57
N LYS A 352 18.05 -45.78 11.27
CA LYS A 352 18.62 -45.18 10.04
C LYS A 352 20.14 -45.25 10.00
N PHE A 353 20.79 -45.23 11.17
CA PHE A 353 22.24 -45.14 11.18
C PHE A 353 22.92 -45.98 12.27
N ILE A 354 22.19 -46.92 12.86
CA ILE A 354 22.73 -47.78 13.89
C ILE A 354 22.60 -49.22 13.45
N ASP A 355 23.73 -49.95 13.47
CA ASP A 355 23.82 -51.40 13.17
C ASP A 355 24.18 -52.13 14.44
N THR A 356 23.68 -53.35 14.59
CA THR A 356 24.16 -54.22 15.65
C THR A 356 25.54 -54.66 15.22
N ARG A 357 26.51 -54.57 16.12
CA ARG A 357 27.90 -54.81 15.69
CA ARG A 357 27.92 -54.88 15.78
C ARG A 357 27.99 -55.91 14.63
CA CA B . -10.14 0.59 0.58
C1 GOL C . 33.16 -44.72 10.71
O1 GOL C . 32.66 -43.60 11.40
C2 GOL C . 32.00 -45.41 10.02
O2 GOL C . 31.65 -46.58 10.75
C3 GOL C . 32.37 -45.75 8.59
O3 GOL C . 32.34 -44.57 7.81
N6A HDZ D . 29.69 -21.80 19.10
N6B HDZ D . 27.97 -22.08 20.54
N6A HDZ E . -14.42 -0.28 -7.26
N6B HDZ E . -13.99 1.02 -8.28
C1 GOL F . 11.60 -8.03 18.27
O1 GOL F . 12.69 -8.49 19.03
C2 GOL F . 11.14 -9.14 17.38
O2 GOL F . 12.12 -9.37 16.37
C3 GOL F . 9.85 -8.78 16.72
O3 GOL F . 9.80 -7.38 16.56
#